data_9U7Q
#
_entry.id   9U7Q
#
_cell.length_a   89.258
_cell.length_b   50.157
_cell.length_c   90.997
_cell.angle_alpha   90.000
_cell.angle_beta   95.027
_cell.angle_gamma   90.000
#
_symmetry.space_group_name_H-M   'C 1 2 1'
#
loop_
_entity.id
_entity.type
_entity.pdbx_description
1 polymer chitinase
2 non-polymer 1,2-ETHANEDIOL
3 non-polymer 2-[3-(2-HYDROXY-1,1-DIHYDROXYMETHYL-ETHYLAMINO)-PROPYLAMINO]-2-HYDROXYMETHYL-PROPANE-1,3-DIOL
4 water water
#
_entity_poly.entity_id   1
_entity_poly.type   'polypeptide(L)'
_entity_poly.pdbx_seq_one_letter_code
;EQKVVAGYFADWQYANAENPYTVKDIPADKLTHVIYAFLSMAGPHTGASETVQNLVAKQAEGKDPYTAIIVDTEAALEKN
FGAVSVNVPYKGHFAQLAEMKKQHPDLKILPSFGGWTMSEPFHAMAKNKQAMDQFSKSAVELIAQYDFFDGIDLDWEYPG
GGGLTTSPWNPDTKLSDEQKASEREAFTYLVKTMRAELDELTNQTKREYELSTAVGVGPKAAGIDWKAAEPYLTNMFAMT
YDFLGGWGQQTGHTTNLHATERSWWGMGADVFINQMIELGIPSEKLVIGAAFYGRGWQGTKDFSGGLPTQDLVSEQGAQF
GTGENGYFMFWDLVKNYGAKQGYEYKYDEQSQAPYLWNPEKKVFISYEDQRSIKAKANWAKQANLGGIFTWELSGDPKGE
LVEVMYQEMQK
;
_entity_poly.pdbx_strand_id   A
#
# COMPACT_ATOMS: atom_id res chain seq x y z
N GLN A 2 -15.83 13.25 9.44
CA GLN A 2 -15.38 12.99 8.04
C GLN A 2 -14.22 11.99 8.06
N LYS A 3 -14.44 10.79 7.55
CA LYS A 3 -13.43 9.72 7.69
C LYS A 3 -12.65 9.60 6.39
N VAL A 4 -11.40 9.12 6.48
CA VAL A 4 -10.61 8.77 5.31
C VAL A 4 -11.20 7.54 4.63
N VAL A 5 -11.31 7.65 3.30
CA VAL A 5 -11.64 6.55 2.43
C VAL A 5 -10.67 6.64 1.26
N ALA A 6 -9.59 5.87 1.34
CA ALA A 6 -8.43 6.11 0.52
C ALA A 6 -8.24 4.92 -0.40
N GLY A 7 -7.87 5.21 -1.64
CA GLY A 7 -7.48 4.14 -2.54
C GLY A 7 -6.11 4.35 -3.16
N TYR A 8 -5.26 3.32 -3.10
CA TYR A 8 -4.04 3.28 -3.89
C TYR A 8 -4.37 3.03 -5.38
N PHE A 9 -3.71 3.78 -6.26
CA PHE A 9 -3.78 3.59 -7.69
C PHE A 9 -2.40 3.19 -8.16
N ALA A 10 -2.30 1.94 -8.62
CA ALA A 10 -1.07 1.41 -9.19
C ALA A 10 -0.87 1.89 -10.61
N ASP A 11 0.32 2.43 -10.87
CA ASP A 11 0.59 3.12 -12.11
C ASP A 11 0.65 2.16 -13.31
N TRP A 12 0.80 0.86 -13.06
CA TRP A 12 1.06 -0.12 -14.13
C TRP A 12 -0.21 -0.82 -14.64
N GLN A 13 -1.34 -0.71 -13.94
CA GLN A 13 -2.43 -1.65 -14.14
C GLN A 13 -3.15 -1.42 -15.48
N TYR A 14 -2.99 -0.22 -16.05
CA TYR A 14 -3.71 0.15 -17.27
C TYR A 14 -3.27 -0.78 -18.41
N ALA A 15 -2.02 -1.29 -18.33
CA ALA A 15 -1.41 -2.07 -19.40
C ALA A 15 -1.85 -3.53 -19.39
N ASN A 16 -2.66 -3.94 -18.42
CA ASN A 16 -3.24 -5.27 -18.44
C ASN A 16 -4.52 -5.22 -19.29
N ALA A 17 -4.44 -5.81 -20.48
CA ALA A 17 -5.55 -5.83 -21.43
C ALA A 17 -6.81 -6.50 -20.84
N GLU A 18 -6.66 -7.36 -19.83
CA GLU A 18 -7.80 -7.98 -19.17
C GLU A 18 -8.56 -7.00 -18.26
N ASN A 19 -7.89 -5.94 -17.80
CA ASN A 19 -8.54 -4.95 -16.93
C ASN A 19 -7.73 -3.67 -17.00
N PRO A 20 -7.90 -2.94 -18.12
CA PRO A 20 -7.03 -1.80 -18.40
C PRO A 20 -7.46 -0.56 -17.64
N TYR A 21 -7.25 -0.58 -16.32
CA TYR A 21 -7.80 0.40 -15.40
C TYR A 21 -6.98 1.67 -15.39
N THR A 22 -7.67 2.81 -15.58
CA THR A 22 -7.05 4.12 -15.74
C THR A 22 -7.63 5.04 -14.68
N VAL A 23 -7.08 6.25 -14.61
CA VAL A 23 -7.58 7.23 -13.67
C VAL A 23 -9.08 7.48 -13.87
N LYS A 24 -9.53 7.46 -15.15
CA LYS A 24 -10.93 7.70 -15.43
C LYS A 24 -11.85 6.67 -14.76
N ASP A 25 -11.31 5.49 -14.41
CA ASP A 25 -12.07 4.43 -13.76
C ASP A 25 -12.22 4.60 -12.25
N ILE A 26 -11.51 5.56 -11.67
CA ILE A 26 -11.55 5.76 -10.22
C ILE A 26 -12.89 6.33 -9.79
N PRO A 27 -13.55 5.73 -8.79
CA PRO A 27 -14.76 6.31 -8.22
C PRO A 27 -14.48 7.49 -7.30
N ALA A 28 -14.01 8.60 -7.86
CA ALA A 28 -13.50 9.72 -7.09
C ALA A 28 -14.56 10.30 -6.15
N ASP A 29 -15.83 10.22 -6.54
CA ASP A 29 -16.91 10.74 -5.70
C ASP A 29 -17.09 9.95 -4.41
N LYS A 30 -16.49 8.75 -4.30
CA LYS A 30 -16.61 7.94 -3.10
C LYS A 30 -15.33 7.90 -2.27
N LEU A 31 -14.28 8.59 -2.72
CA LEU A 31 -13.00 8.56 -2.05
C LEU A 31 -12.71 9.92 -1.43
N THR A 32 -11.89 9.94 -0.39
CA THR A 32 -11.31 11.15 0.14
C THR A 32 -9.88 11.32 -0.39
N HIS A 33 -9.20 10.20 -0.72
CA HIS A 33 -7.82 10.24 -1.12
C HIS A 33 -7.58 9.25 -2.24
N VAL A 34 -6.76 9.69 -3.18
CA VAL A 34 -6.15 8.81 -4.16
C VAL A 34 -4.65 8.85 -3.97
N ILE A 35 -4.01 7.66 -3.85
CA ILE A 35 -2.59 7.58 -3.59
C ILE A 35 -1.95 6.93 -4.81
N TYR A 36 -1.14 7.69 -5.54
CA TYR A 36 -0.51 7.22 -6.76
C TYR A 36 0.78 6.47 -6.45
N ALA A 37 0.86 5.22 -6.94
CA ALA A 37 1.92 4.31 -6.57
C ALA A 37 2.65 3.87 -7.85
N PHE A 38 3.99 4.00 -7.95
CA PHE A 38 4.91 4.54 -6.95
C PHE A 38 5.97 5.42 -7.63
N LEU A 39 6.45 6.43 -6.89
CA LEU A 39 7.61 7.25 -7.19
C LEU A 39 8.79 6.77 -6.35
N SER A 40 9.99 7.26 -6.67
CA SER A 40 11.19 6.83 -5.96
C SER A 40 12.20 7.96 -5.84
N MET A 41 13.46 7.60 -5.73
CA MET A 41 14.54 8.56 -5.62
C MET A 41 15.77 8.00 -6.33
N ALA A 42 16.71 8.89 -6.67
CA ALA A 42 17.91 8.48 -7.40
C ALA A 42 18.88 7.81 -6.43
N GLY A 43 18.72 6.52 -6.27
CA GLY A 43 19.51 5.72 -5.38
C GLY A 43 19.48 4.27 -5.85
N PRO A 44 20.12 3.37 -5.10
CA PRO A 44 20.24 1.98 -5.53
C PRO A 44 18.93 1.21 -5.53
N HIS A 45 18.68 0.49 -6.63
CA HIS A 45 17.55 -0.40 -6.74
C HIS A 45 18.01 -1.78 -7.26
N THR A 46 19.11 -2.30 -6.71
CA THR A 46 19.65 -3.60 -7.10
C THR A 46 18.66 -4.73 -6.90
N GLY A 47 17.70 -4.59 -5.97
CA GLY A 47 16.71 -5.61 -5.69
C GLY A 47 15.48 -5.59 -6.60
N ALA A 48 15.29 -4.55 -7.42
CA ALA A 48 14.13 -4.40 -8.31
C ALA A 48 14.40 -5.06 -9.67
N SER A 49 13.37 -5.10 -10.49
CA SER A 49 13.52 -5.67 -11.82
C SER A 49 14.55 -4.92 -12.65
N GLU A 50 15.12 -5.57 -13.66
CA GLU A 50 15.96 -4.85 -14.60
C GLU A 50 15.22 -3.64 -15.18
N THR A 51 13.93 -3.78 -15.47
CA THR A 51 13.19 -2.66 -16.08
C THR A 51 13.18 -1.46 -15.13
N VAL A 52 12.88 -1.68 -13.85
CA VAL A 52 12.89 -0.56 -12.91
C VAL A 52 14.29 0.00 -12.76
N GLN A 53 15.31 -0.86 -12.64
CA GLN A 53 16.67 -0.36 -12.54
C GLN A 53 17.01 0.55 -13.73
N ASN A 54 16.59 0.21 -14.96
CA ASN A 54 16.95 1.02 -16.13
C ASN A 54 16.27 2.38 -16.08
N LEU A 55 14.96 2.34 -15.80
CA LEU A 55 14.15 3.54 -15.63
C LEU A 55 14.75 4.45 -14.58
N VAL A 56 15.06 3.90 -13.40
CA VAL A 56 15.68 4.71 -12.36
C VAL A 56 16.96 5.34 -12.90
N ALA A 57 17.82 4.54 -13.55
CA ALA A 57 19.10 5.06 -14.02
C ALA A 57 18.94 6.22 -15.01
N LYS A 58 17.95 6.12 -15.89
CA LYS A 58 17.65 7.14 -16.89
C LYS A 58 17.23 8.43 -16.17
N GLN A 59 16.31 8.30 -15.20
CA GLN A 59 15.81 9.44 -14.43
C GLN A 59 16.86 10.06 -13.53
N ALA A 60 17.79 9.26 -13.03
CA ALA A 60 18.85 9.70 -12.14
C ALA A 60 19.90 10.55 -12.86
N GLU A 61 20.03 10.36 -14.18
CA GLU A 61 21.07 11.02 -14.94
C GLU A 61 20.98 12.54 -14.80
N GLY A 62 22.07 13.13 -14.33
CA GLY A 62 22.20 14.57 -14.21
C GLY A 62 21.46 15.12 -12.99
N LYS A 63 21.03 14.25 -12.07
CA LYS A 63 20.39 14.71 -10.84
C LYS A 63 21.30 14.35 -9.68
N ASP A 64 21.19 15.10 -8.60
CA ASP A 64 21.98 14.80 -7.42
C ASP A 64 21.50 13.48 -6.85
N PRO A 65 22.39 12.71 -6.20
CA PRO A 65 21.99 11.55 -5.43
C PRO A 65 20.80 11.82 -4.51
N TYR A 66 19.84 10.88 -4.55
CA TYR A 66 18.63 10.83 -3.74
C TYR A 66 17.62 11.92 -4.10
N THR A 67 17.72 12.53 -5.29
CA THR A 67 16.65 13.35 -5.83
C THR A 67 15.40 12.48 -5.99
N ALA A 68 14.25 13.03 -5.59
CA ALA A 68 12.94 12.44 -5.81
C ALA A 68 12.67 12.34 -7.32
N ILE A 69 12.24 11.18 -7.81
CA ILE A 69 11.98 11.01 -9.23
C ILE A 69 10.68 10.26 -9.48
N ILE A 70 10.08 10.57 -10.62
CA ILE A 70 9.12 9.71 -11.27
C ILE A 70 9.90 8.56 -11.92
N VAL A 71 9.40 7.33 -11.76
CA VAL A 71 10.08 6.16 -12.30
C VAL A 71 9.52 5.82 -13.67
N ASP A 72 8.26 5.39 -13.72
CA ASP A 72 7.56 5.10 -14.97
C ASP A 72 6.97 6.39 -15.53
N THR A 73 7.77 7.14 -16.29
CA THR A 73 7.36 8.41 -16.87
C THR A 73 6.44 8.17 -18.06
N GLU A 74 6.54 7.00 -18.72
CA GLU A 74 5.59 6.67 -19.78
C GLU A 74 4.17 6.70 -19.22
N ALA A 75 3.96 5.99 -18.10
CA ALA A 75 2.65 5.95 -17.48
C ALA A 75 2.29 7.33 -16.95
N ALA A 76 3.23 7.98 -16.24
CA ALA A 76 2.90 9.18 -15.49
C ALA A 76 2.61 10.35 -16.43
N LEU A 77 3.47 10.51 -17.44
CA LEU A 77 3.57 11.77 -18.18
C LEU A 77 3.28 11.63 -19.68
N GLU A 78 3.50 10.46 -20.28
CA GLU A 78 3.60 10.42 -21.75
C GLU A 78 2.37 9.80 -22.41
N LYS A 79 1.88 8.69 -21.88
CA LYS A 79 0.82 7.94 -22.55
C LYS A 79 -0.42 8.83 -22.65
N ASN A 80 -1.04 8.87 -23.83
CA ASN A 80 -2.25 9.65 -24.01
C ASN A 80 -3.45 8.84 -23.55
N PHE A 81 -3.96 9.12 -22.35
CA PHE A 81 -5.17 8.51 -21.81
C PHE A 81 -6.42 9.31 -22.16
N GLY A 82 -6.25 10.41 -22.89
CA GLY A 82 -7.41 11.20 -23.30
C GLY A 82 -7.25 12.70 -23.04
N ALA A 83 -7.86 13.52 -23.90
CA ALA A 83 -7.76 14.97 -23.70
C ALA A 83 -8.41 15.37 -22.37
N VAL A 84 -7.91 16.45 -21.78
CA VAL A 84 -8.48 16.97 -20.55
C VAL A 84 -8.74 18.46 -20.71
N SER A 85 -9.44 19.04 -19.73
CA SER A 85 -9.81 20.44 -19.80
C SER A 85 -8.78 21.33 -19.13
N VAL A 86 -7.87 20.76 -18.32
CA VAL A 86 -6.88 21.56 -17.62
C VAL A 86 -5.75 21.84 -18.60
N ASN A 87 -5.04 22.93 -18.33
CA ASN A 87 -3.96 23.40 -19.15
C ASN A 87 -2.67 22.94 -18.51
N VAL A 88 -2.25 21.73 -18.86
CA VAL A 88 -1.00 21.17 -18.39
C VAL A 88 -0.27 20.71 -19.64
N PRO A 89 1.07 20.79 -19.67
CA PRO A 89 1.83 20.38 -20.84
C PRO A 89 2.14 18.88 -21.00
N TYR A 90 1.78 18.07 -19.99
CA TYR A 90 2.04 16.63 -19.96
C TYR A 90 0.74 15.89 -20.22
N LYS A 91 0.85 14.59 -20.50
CA LYS A 91 -0.27 13.68 -20.60
C LYS A 91 -0.17 12.67 -19.45
N GLY A 92 -0.30 11.38 -19.78
CA GLY A 92 -0.16 10.34 -18.78
C GLY A 92 -1.25 10.36 -17.73
N HIS A 93 -1.00 9.54 -16.69
CA HIS A 93 -1.87 9.53 -15.54
C HIS A 93 -1.91 10.91 -14.90
N PHE A 94 -0.81 11.67 -14.97
CA PHE A 94 -0.78 12.95 -14.24
C PHE A 94 -1.77 13.93 -14.85
N ALA A 95 -1.90 13.96 -16.19
CA ALA A 95 -2.94 14.84 -16.74
C ALA A 95 -4.33 14.43 -16.29
N GLN A 96 -4.55 13.12 -16.19
CA GLN A 96 -5.86 12.63 -15.80
C GLN A 96 -6.10 12.97 -14.34
N LEU A 97 -5.04 12.91 -13.53
CA LEU A 97 -5.19 13.26 -12.12
C LEU A 97 -5.48 14.75 -11.98
N ALA A 98 -4.86 15.58 -12.82
CA ALA A 98 -5.09 17.02 -12.73
C ALA A 98 -6.55 17.32 -13.09
N GLU A 99 -7.07 16.62 -14.11
CA GLU A 99 -8.48 16.78 -14.48
C GLU A 99 -9.39 16.30 -13.35
N MET A 100 -8.99 15.18 -12.73
CA MET A 100 -9.85 14.62 -11.71
C MET A 100 -9.92 15.64 -10.56
N LYS A 101 -8.78 16.24 -10.23
CA LYS A 101 -8.75 17.21 -9.14
C LYS A 101 -9.66 18.40 -9.48
N LYS A 102 -9.68 18.83 -10.75
CA LYS A 102 -10.54 19.94 -11.16
C LYS A 102 -12.01 19.57 -10.92
N GLN A 103 -12.39 18.35 -11.30
CA GLN A 103 -13.77 17.91 -11.25
C GLN A 103 -14.20 17.53 -9.84
N HIS A 104 -13.22 17.20 -8.97
CA HIS A 104 -13.50 16.79 -7.59
C HIS A 104 -12.57 17.54 -6.65
N PRO A 105 -12.80 18.85 -6.43
CA PRO A 105 -11.81 19.69 -5.76
C PRO A 105 -11.60 19.37 -4.28
N ASP A 106 -12.51 18.62 -3.65
CA ASP A 106 -12.33 18.24 -2.25
C ASP A 106 -11.49 16.97 -2.15
N LEU A 107 -11.20 16.30 -3.28
CA LEU A 107 -10.39 15.05 -3.25
C LEU A 107 -8.94 15.39 -2.96
N LYS A 108 -8.26 14.55 -2.16
CA LYS A 108 -6.82 14.72 -1.97
C LYS A 108 -6.09 13.66 -2.81
N ILE A 109 -5.02 14.08 -3.48
CA ILE A 109 -4.20 13.22 -4.32
C ILE A 109 -2.77 13.28 -3.82
N LEU A 110 -2.25 12.11 -3.45
CA LEU A 110 -0.89 12.04 -2.92
C LEU A 110 -0.07 11.13 -3.80
N PRO A 111 1.22 11.46 -4.07
CA PRO A 111 2.15 10.47 -4.58
C PRO A 111 2.68 9.64 -3.42
N SER A 112 2.97 8.36 -3.69
CA SER A 112 3.63 7.52 -2.72
C SER A 112 5.01 7.16 -3.19
N PHE A 113 6.02 7.36 -2.33
CA PHE A 113 7.39 7.05 -2.63
C PHE A 113 7.80 5.77 -1.97
N GLY A 114 8.29 4.84 -2.78
CA GLY A 114 8.79 3.61 -2.23
C GLY A 114 8.01 2.39 -2.70
N GLY A 115 7.38 1.73 -1.75
CA GLY A 115 6.79 0.41 -2.01
C GLY A 115 7.82 -0.71 -1.89
N TRP A 116 7.32 -1.94 -1.96
CA TRP A 116 8.20 -3.09 -1.68
C TRP A 116 9.49 -3.11 -2.49
N THR A 117 9.41 -2.93 -3.81
CA THR A 117 10.55 -3.10 -4.66
C THR A 117 11.43 -1.85 -4.75
N MET A 118 10.97 -0.71 -4.23
CA MET A 118 11.76 0.51 -4.37
C MET A 118 11.97 1.14 -3.01
N SER A 119 11.98 0.32 -1.97
CA SER A 119 12.30 0.82 -0.64
C SER A 119 13.81 0.86 -0.44
N GLU A 120 14.52 -0.04 -1.13
CA GLU A 120 15.96 -0.15 -1.03
C GLU A 120 16.67 1.21 -0.91
N PRO A 121 16.44 2.19 -1.80
CA PRO A 121 17.23 3.42 -1.75
C PRO A 121 17.09 4.16 -0.44
N PHE A 122 15.95 3.98 0.26
CA PHE A 122 15.77 4.69 1.51
C PHE A 122 16.88 4.33 2.50
N HIS A 123 17.31 3.07 2.48
CA HIS A 123 18.32 2.60 3.43
C HIS A 123 19.65 3.31 3.18
N ALA A 124 20.00 3.56 1.90
CA ALA A 124 21.22 4.27 1.54
C ALA A 124 21.09 5.76 1.93
N MET A 125 19.93 6.32 1.63
CA MET A 125 19.60 7.70 1.88
C MET A 125 19.74 8.01 3.39
N ALA A 126 19.27 7.08 4.24
CA ALA A 126 19.16 7.29 5.67
C ALA A 126 20.53 7.33 6.33
N LYS A 127 21.58 6.97 5.60
CA LYS A 127 22.94 6.99 6.13
C LYS A 127 23.55 8.39 6.13
N ASN A 128 22.91 9.37 5.49
CA ASN A 128 23.53 10.68 5.28
C ASN A 128 22.45 11.76 5.42
N LYS A 129 22.66 12.73 6.31
CA LYS A 129 21.71 13.82 6.50
C LYS A 129 21.45 14.58 5.20
N GLN A 130 22.52 14.86 4.44
CA GLN A 130 22.38 15.65 3.21
C GLN A 130 21.52 14.88 2.19
N ALA A 131 21.65 13.54 2.14
CA ALA A 131 20.85 12.73 1.25
C ALA A 131 19.36 12.89 1.60
N MET A 132 19.05 12.81 2.90
CA MET A 132 17.67 13.01 3.34
C MET A 132 17.18 14.41 2.99
N ASP A 133 18.05 15.38 3.22
CA ASP A 133 17.68 16.74 2.90
C ASP A 133 17.44 16.92 1.41
N GLN A 134 18.24 16.25 0.55
CA GLN A 134 18.02 16.36 -0.89
C GLN A 134 16.70 15.68 -1.31
N PHE A 135 16.41 14.53 -0.76
CA PHE A 135 15.15 13.85 -1.04
C PHE A 135 13.95 14.71 -0.60
N SER A 136 14.03 15.26 0.59
CA SER A 136 12.93 16.05 1.10
C SER A 136 12.70 17.25 0.20
N LYS A 137 13.77 18.03 -0.04
CA LYS A 137 13.62 19.24 -0.83
C LYS A 137 13.02 18.88 -2.19
N SER A 138 13.59 17.87 -2.86
CA SER A 138 13.21 17.56 -4.22
C SER A 138 11.81 16.94 -4.32
N ALA A 139 11.40 16.18 -3.31
CA ALA A 139 10.06 15.60 -3.32
C ALA A 139 9.01 16.71 -3.26
N VAL A 140 9.27 17.74 -2.43
CA VAL A 140 8.33 18.84 -2.37
C VAL A 140 8.38 19.67 -3.66
N GLU A 141 9.57 19.82 -4.27
CA GLU A 141 9.65 20.51 -5.55
C GLU A 141 8.80 19.76 -6.59
N LEU A 142 8.82 18.43 -6.49
CA LEU A 142 8.07 17.63 -7.45
C LEU A 142 6.57 17.90 -7.31
N ILE A 143 6.04 17.90 -6.08
CA ILE A 143 4.62 18.18 -5.97
C ILE A 143 4.31 19.65 -6.27
N ALA A 144 5.28 20.54 -6.04
CA ALA A 144 5.09 21.94 -6.39
C ALA A 144 4.89 22.09 -7.89
N GLN A 145 5.60 21.27 -8.68
CA GLN A 145 5.44 21.30 -10.13
C GLN A 145 4.11 20.64 -10.53
N TYR A 146 3.82 19.48 -9.96
CA TYR A 146 2.64 18.70 -10.29
C TYR A 146 1.57 19.06 -9.26
N ASP A 147 0.97 20.24 -9.42
CA ASP A 147 0.38 20.91 -8.29
C ASP A 147 -1.06 20.49 -8.05
N PHE A 148 -1.51 19.39 -8.67
CA PHE A 148 -2.75 18.74 -8.30
C PHE A 148 -2.51 17.86 -7.05
N PHE A 149 -1.27 17.50 -6.76
CA PHE A 149 -0.98 16.75 -5.53
C PHE A 149 -1.18 17.60 -4.28
N ASP A 150 -1.57 16.94 -3.20
CA ASP A 150 -1.89 17.60 -1.93
C ASP A 150 -0.97 17.22 -0.79
N GLY A 151 0.22 16.74 -1.11
CA GLY A 151 1.17 16.31 -0.12
C GLY A 151 1.95 15.10 -0.63
N ILE A 152 2.47 14.33 0.33
CA ILE A 152 3.40 13.25 0.05
C ILE A 152 3.09 12.08 0.98
N ASP A 153 3.06 10.87 0.39
CA ASP A 153 2.93 9.63 1.15
C ASP A 153 4.27 8.89 1.08
N LEU A 154 4.72 8.38 2.24
CA LEU A 154 5.95 7.58 2.32
C LEU A 154 5.58 6.11 2.45
N ASP A 155 6.24 5.28 1.66
CA ASP A 155 6.03 3.83 1.75
C ASP A 155 7.41 3.17 1.79
N TRP A 156 8.17 3.52 2.82
CA TRP A 156 9.46 2.90 3.07
C TRP A 156 9.26 1.63 3.89
N GLU A 157 9.52 0.49 3.23
CA GLU A 157 9.28 -0.84 3.77
C GLU A 157 10.63 -1.51 4.03
N TYR A 158 11.27 -1.28 5.18
CA TYR A 158 10.82 -0.52 6.33
C TYR A 158 12.06 0.01 7.05
N PRO A 159 11.96 1.12 7.82
CA PRO A 159 13.01 1.44 8.77
C PRO A 159 13.24 0.28 9.76
N GLY A 160 14.52 -0.09 9.88
CA GLY A 160 14.92 -1.22 10.73
C GLY A 160 14.91 -2.57 10.01
N GLY A 161 14.57 -2.59 8.71
CA GLY A 161 14.62 -3.79 7.88
C GLY A 161 13.30 -4.57 7.89
N GLY A 162 13.33 -5.80 7.38
CA GLY A 162 12.14 -6.60 7.17
C GLY A 162 11.56 -6.39 5.77
N GLY A 163 12.29 -5.68 4.89
CA GLY A 163 11.83 -5.50 3.51
C GLY A 163 12.57 -6.39 2.51
N LEU A 164 12.49 -6.06 1.22
CA LEU A 164 12.92 -6.97 0.15
C LEU A 164 14.42 -7.26 0.26
N THR A 165 15.21 -6.21 0.50
CA THR A 165 16.66 -6.36 0.52
C THR A 165 17.22 -6.37 1.93
N THR A 166 16.36 -6.39 2.96
CA THR A 166 16.75 -6.20 4.33
C THR A 166 16.15 -7.24 5.27
N SER A 167 16.03 -8.49 4.78
CA SER A 167 15.53 -9.54 5.66
C SER A 167 16.45 -9.76 6.86
N PRO A 168 15.89 -9.81 8.09
CA PRO A 168 16.65 -10.04 9.30
C PRO A 168 17.07 -11.49 9.52
N TRP A 169 16.58 -12.39 8.67
CA TRP A 169 16.76 -13.81 8.95
C TRP A 169 17.92 -14.37 8.15
N ASN A 170 18.41 -13.57 7.19
CA ASN A 170 19.56 -13.88 6.37
C ASN A 170 20.74 -13.04 6.87
N PRO A 171 21.87 -13.63 7.33
CA PRO A 171 23.01 -12.81 7.77
C PRO A 171 23.52 -11.84 6.70
N ASP A 172 23.36 -12.17 5.42
CA ASP A 172 23.81 -11.32 4.33
C ASP A 172 23.00 -10.02 4.23
N THR A 173 21.74 -9.98 4.68
CA THR A 173 20.88 -8.81 4.48
C THR A 173 20.50 -8.17 5.80
N LYS A 174 20.67 -8.91 6.90
CA LYS A 174 20.21 -8.49 8.21
C LYS A 174 20.88 -7.15 8.55
N LEU A 175 20.08 -6.20 9.03
CA LEU A 175 20.61 -4.93 9.51
C LEU A 175 21.21 -5.17 10.89
N SER A 176 22.39 -4.59 11.12
CA SER A 176 22.96 -4.52 12.45
C SER A 176 22.03 -3.75 13.38
N ASP A 177 22.20 -3.98 14.69
CA ASP A 177 21.47 -3.20 15.67
C ASP A 177 21.80 -1.72 15.52
N GLU A 178 23.06 -1.39 15.18
CA GLU A 178 23.50 -0.02 14.95
C GLU A 178 22.67 0.60 13.82
N GLN A 179 22.53 -0.13 12.70
CA GLN A 179 21.78 0.34 11.55
C GLN A 179 20.31 0.53 11.92
N LYS A 180 19.72 -0.36 12.75
CA LYS A 180 18.33 -0.24 13.09
C LYS A 180 18.08 1.03 13.92
N ALA A 181 18.94 1.33 14.91
CA ALA A 181 18.78 2.53 15.71
C ALA A 181 18.96 3.77 14.86
N SER A 182 19.95 3.71 13.95
CA SER A 182 20.22 4.76 12.99
C SER A 182 19.00 5.06 12.11
N GLU A 183 18.38 4.00 11.60
CA GLU A 183 17.22 4.20 10.74
C GLU A 183 16.00 4.69 11.50
N ARG A 184 15.84 4.30 12.78
CA ARG A 184 14.76 4.77 13.62
C ARG A 184 14.87 6.29 13.76
N GLU A 185 16.08 6.80 14.05
CA GLU A 185 16.27 8.23 14.20
C GLU A 185 16.12 8.89 12.82
N ALA A 186 16.56 8.24 11.76
CA ALA A 186 16.53 8.81 10.42
C ALA A 186 15.10 9.00 9.97
N PHE A 187 14.21 8.06 10.33
CA PHE A 187 12.82 8.26 9.91
C PHE A 187 12.19 9.50 10.56
N THR A 188 12.44 9.73 11.87
CA THR A 188 11.96 10.90 12.55
C THR A 188 12.49 12.15 11.86
N TYR A 189 13.78 12.14 11.52
CA TYR A 189 14.43 13.30 10.94
C TYR A 189 13.75 13.54 9.60
N LEU A 190 13.57 12.45 8.85
CA LEU A 190 13.03 12.58 7.50
C LEU A 190 11.65 13.23 7.55
N VAL A 191 10.76 12.75 8.42
CA VAL A 191 9.41 13.30 8.40
C VAL A 191 9.42 14.71 8.96
N LYS A 192 10.29 15.03 9.93
CA LYS A 192 10.38 16.38 10.46
C LYS A 192 10.81 17.35 9.36
N THR A 193 11.78 16.90 8.56
CA THR A 193 12.38 17.70 7.50
C THR A 193 11.37 17.85 6.37
N MET A 194 10.66 16.78 6.00
CA MET A 194 9.68 16.88 4.94
C MET A 194 8.50 17.77 5.35
N ARG A 195 8.08 17.66 6.61
CA ARG A 195 6.99 18.48 7.10
C ARG A 195 7.39 19.97 7.05
N ALA A 196 8.66 20.28 7.37
CA ALA A 196 9.06 21.69 7.35
C ALA A 196 9.14 22.17 5.89
N GLU A 197 9.56 21.30 4.98
CA GLU A 197 9.63 21.66 3.59
C GLU A 197 8.22 21.93 3.04
N LEU A 198 7.25 21.07 3.39
CA LEU A 198 5.87 21.26 2.97
C LEU A 198 5.30 22.55 3.59
N ASP A 199 5.68 22.82 4.85
CA ASP A 199 5.25 24.07 5.51
C ASP A 199 5.73 25.28 4.73
N GLU A 200 6.97 25.22 4.22
CA GLU A 200 7.49 26.28 3.38
C GLU A 200 6.67 26.41 2.09
N LEU A 201 6.31 25.29 1.47
CA LEU A 201 5.45 25.33 0.32
C LEU A 201 4.15 26.06 0.69
N THR A 202 3.55 25.74 1.84
CA THR A 202 2.29 26.40 2.23
C THR A 202 2.52 27.91 2.41
N ASN A 203 3.69 28.30 2.91
CA ASN A 203 3.96 29.75 2.98
C ASN A 203 3.80 30.42 1.62
N GLN A 204 4.13 29.69 0.55
CA GLN A 204 4.15 30.24 -0.80
C GLN A 204 2.80 30.09 -1.51
N THR A 205 2.05 29.00 -1.27
CA THR A 205 0.86 28.72 -2.06
C THR A 205 -0.44 28.98 -1.29
N LYS A 206 -0.37 29.04 0.06
CA LYS A 206 -1.51 29.12 0.96
C LYS A 206 -2.42 27.91 0.92
N ARG A 207 -1.88 26.79 0.42
CA ARG A 207 -2.60 25.53 0.45
C ARG A 207 -2.06 24.66 1.55
N GLU A 208 -2.90 23.75 2.06
CA GLU A 208 -2.47 22.80 3.08
C GLU A 208 -2.00 21.53 2.37
N TYR A 209 -0.94 20.94 2.92
CA TYR A 209 -0.40 19.69 2.38
C TYR A 209 -0.35 18.66 3.49
N GLU A 210 -0.55 17.40 3.10
CA GLU A 210 -0.53 16.30 4.05
C GLU A 210 0.79 15.55 3.90
N LEU A 211 1.31 15.03 5.01
CA LEU A 211 2.46 14.14 4.98
C LEU A 211 1.98 12.86 5.66
N SER A 212 2.04 11.74 4.97
CA SER A 212 1.52 10.49 5.53
C SER A 212 2.52 9.38 5.28
N THR A 213 2.28 8.24 5.91
CA THR A 213 3.16 7.09 5.79
C THR A 213 2.33 5.81 5.88
N ALA A 214 2.82 4.80 5.18
CA ALA A 214 2.33 3.44 5.33
C ALA A 214 3.08 2.85 6.52
N VAL A 215 2.44 1.90 7.23
CA VAL A 215 2.94 1.40 8.49
C VAL A 215 2.85 -0.11 8.40
N GLY A 216 3.98 -0.80 8.53
CA GLY A 216 3.97 -2.25 8.52
C GLY A 216 3.50 -2.79 9.87
N VAL A 217 3.00 -4.02 9.90
CA VAL A 217 2.45 -4.58 11.12
C VAL A 217 3.53 -5.25 11.96
N GLY A 218 3.19 -5.44 13.24
CA GLY A 218 4.03 -6.18 14.16
C GLY A 218 5.39 -5.52 14.30
N PRO A 219 6.49 -6.30 14.19
CA PRO A 219 7.83 -5.74 14.29
C PRO A 219 8.11 -4.66 13.27
N LYS A 220 7.38 -4.68 12.15
CA LYS A 220 7.60 -3.69 11.09
C LYS A 220 7.18 -2.28 11.52
N ALA A 221 6.32 -2.16 12.54
CA ALA A 221 5.88 -0.87 13.10
C ALA A 221 6.80 -0.39 14.24
N ALA A 222 7.49 -1.32 14.89
CA ALA A 222 8.30 -1.01 16.05
C ALA A 222 9.62 -0.34 15.68
N GLY A 223 10.00 -0.35 14.40
CA GLY A 223 11.22 0.26 13.90
C GLY A 223 11.18 1.79 13.80
N ILE A 224 10.01 2.38 14.07
CA ILE A 224 9.82 3.82 14.03
C ILE A 224 9.54 4.32 15.42
N ASP A 225 10.00 5.53 15.72
CA ASP A 225 9.73 6.14 17.02
C ASP A 225 8.48 6.98 16.85
N TRP A 226 7.31 6.37 17.10
CA TRP A 226 6.04 6.99 16.80
C TRP A 226 5.76 8.23 17.67
N LYS A 227 6.13 8.19 18.95
CA LYS A 227 5.92 9.33 19.81
C LYS A 227 6.63 10.57 19.24
N ALA A 228 7.83 10.41 18.66
CA ALA A 228 8.61 11.51 18.11
C ALA A 228 8.10 11.88 16.71
N ALA A 229 7.69 10.88 15.92
CA ALA A 229 7.38 11.13 14.52
C ALA A 229 5.93 11.53 14.30
N GLU A 230 5.00 11.02 15.12
CA GLU A 230 3.61 11.22 14.81
C GLU A 230 3.21 12.70 14.72
N PRO A 231 3.77 13.67 15.49
CA PRO A 231 3.33 15.05 15.35
C PRO A 231 3.44 15.60 13.92
N TYR A 232 4.36 15.03 13.13
CA TYR A 232 4.66 15.53 11.80
C TYR A 232 3.82 14.89 10.70
N LEU A 233 3.02 13.90 11.09
CA LEU A 233 2.30 13.05 10.13
C LEU A 233 0.80 13.22 10.23
N THR A 234 0.16 13.20 9.06
CA THR A 234 -1.28 13.36 8.95
C THR A 234 -1.99 12.03 9.18
N ASN A 235 -1.64 11.04 8.36
CA ASN A 235 -2.23 9.72 8.42
C ASN A 235 -1.16 8.66 8.38
N MET A 236 -1.52 7.55 9.05
CA MET A 236 -0.74 6.33 9.10
C MET A 236 -1.58 5.23 8.45
N PHE A 237 -1.18 4.81 7.24
CA PHE A 237 -1.90 3.76 6.52
C PHE A 237 -1.38 2.42 6.96
N ALA A 238 -2.17 1.78 7.82
CA ALA A 238 -1.76 0.53 8.45
C ALA A 238 -1.92 -0.61 7.45
N MET A 239 -0.80 -1.21 7.04
CA MET A 239 -0.82 -2.26 6.02
C MET A 239 -1.26 -3.58 6.66
N THR A 240 -2.55 -3.67 7.01
CA THR A 240 -3.11 -4.84 7.68
C THR A 240 -3.52 -5.88 6.64
N TYR A 241 -2.55 -6.26 5.82
CA TYR A 241 -2.70 -7.29 4.80
C TYR A 241 -1.34 -7.92 4.56
N ASP A 242 -1.31 -8.96 3.72
CA ASP A 242 -0.09 -9.73 3.49
C ASP A 242 0.43 -10.35 4.79
N PHE A 243 -0.49 -10.79 5.64
CA PHE A 243 -0.10 -11.48 6.87
C PHE A 243 0.56 -12.80 6.51
N LEU A 244 0.03 -13.40 5.42
CA LEU A 244 0.39 -14.72 4.91
C LEU A 244 0.33 -14.60 3.39
N GLY A 245 1.15 -15.38 2.70
CA GLY A 245 1.07 -15.41 1.26
C GLY A 245 1.88 -16.57 0.72
N GLY A 246 1.95 -16.65 -0.59
CA GLY A 246 2.52 -17.82 -1.25
C GLY A 246 4.04 -17.89 -1.17
N TRP A 247 4.67 -16.86 -0.58
CA TRP A 247 6.09 -16.87 -0.28
C TRP A 247 6.40 -17.84 0.84
N GLY A 248 5.39 -18.23 1.60
CA GLY A 248 5.55 -19.20 2.67
C GLY A 248 4.51 -20.30 2.60
N GLN A 249 4.79 -21.41 3.29
CA GLN A 249 3.88 -22.53 3.30
C GLN A 249 2.71 -22.34 4.27
N GLN A 250 2.83 -21.38 5.18
CA GLN A 250 1.84 -21.17 6.22
C GLN A 250 0.62 -20.52 5.57
N THR A 251 -0.50 -21.22 5.66
CA THR A 251 -1.67 -20.97 4.83
C THR A 251 -2.78 -20.45 5.73
N GLY A 252 -3.46 -19.40 5.29
CA GLY A 252 -4.59 -18.88 6.03
C GLY A 252 -4.92 -17.47 5.57
N HIS A 253 -5.55 -16.71 6.47
CA HIS A 253 -6.05 -15.38 6.11
C HIS A 253 -4.88 -14.43 5.89
N THR A 254 -4.93 -13.70 4.75
CA THR A 254 -3.92 -12.67 4.47
C THR A 254 -4.26 -11.32 5.07
N THR A 255 -5.53 -11.11 5.45
CA THR A 255 -5.95 -9.76 5.82
C THR A 255 -7.16 -9.82 6.76
N ASN A 256 -7.18 -10.81 7.65
CA ASN A 256 -8.32 -10.97 8.53
C ASN A 256 -8.42 -9.83 9.54
N LEU A 257 -9.64 -9.29 9.70
CA LEU A 257 -9.90 -8.29 10.71
C LEU A 257 -9.55 -8.77 12.11
N HIS A 258 -10.03 -9.94 12.51
CA HIS A 258 -9.96 -10.37 13.89
C HIS A 258 -8.94 -11.50 14.05
N ALA A 259 -7.98 -11.29 14.98
CA ALA A 259 -7.16 -12.37 15.47
C ALA A 259 -8.05 -13.35 16.24
N THR A 260 -7.79 -14.62 16.07
CA THR A 260 -8.44 -15.67 16.85
C THR A 260 -7.40 -16.68 17.33
N GLU A 261 -7.84 -17.68 18.08
CA GLU A 261 -6.96 -18.78 18.47
C GLU A 261 -6.51 -19.60 17.27
N ARG A 262 -7.21 -19.47 16.12
CA ARG A 262 -6.89 -20.20 14.91
C ARG A 262 -6.02 -19.38 13.97
N SER A 263 -5.67 -18.18 14.38
CA SER A 263 -4.75 -17.35 13.60
C SER A 263 -3.34 -17.91 13.68
N TRP A 264 -2.64 -17.96 12.54
CA TRP A 264 -1.19 -18.10 12.57
C TRP A 264 -0.59 -16.95 13.40
N TRP A 265 0.27 -17.34 14.36
CA TRP A 265 0.97 -16.44 15.26
C TRP A 265 0.07 -15.35 15.83
N GLY A 266 -1.22 -15.64 16.00
CA GLY A 266 -2.12 -14.70 16.66
C GLY A 266 -2.43 -13.43 15.86
N MET A 267 -2.21 -13.50 14.53
CA MET A 267 -2.30 -12.34 13.69
C MET A 267 -3.76 -11.95 13.38
N GLY A 268 -3.94 -10.63 13.27
CA GLY A 268 -5.19 -10.04 12.82
C GLY A 268 -5.06 -8.53 12.79
N ALA A 269 -5.89 -7.87 11.99
CA ALA A 269 -5.80 -6.44 11.87
C ALA A 269 -6.01 -5.75 13.21
N ASP A 270 -6.98 -6.23 13.97
CA ASP A 270 -7.36 -5.59 15.22
C ASP A 270 -6.17 -5.54 16.20
N VAL A 271 -5.52 -6.69 16.39
CA VAL A 271 -4.38 -6.76 17.30
C VAL A 271 -3.24 -5.88 16.81
N PHE A 272 -3.02 -5.86 15.50
CA PHE A 272 -1.92 -5.05 14.99
C PHE A 272 -2.22 -3.56 15.10
N ILE A 273 -3.48 -3.12 14.84
CA ILE A 273 -3.86 -1.73 14.98
C ILE A 273 -3.75 -1.35 16.47
N ASN A 274 -4.17 -2.26 17.36
CA ASN A 274 -4.05 -1.95 18.79
C ASN A 274 -2.61 -1.76 19.22
N GLN A 275 -1.71 -2.58 18.68
CA GLN A 275 -0.28 -2.47 18.92
C GLN A 275 0.22 -1.11 18.43
N MET A 276 -0.22 -0.68 17.24
CA MET A 276 0.20 0.59 16.72
C MET A 276 -0.23 1.72 17.67
N ILE A 277 -1.45 1.61 18.22
CA ILE A 277 -1.96 2.61 19.17
C ILE A 277 -1.05 2.62 20.41
N GLU A 278 -0.72 1.45 20.92
CA GLU A 278 0.13 1.33 22.09
C GLU A 278 1.50 1.95 21.82
N LEU A 279 2.01 1.85 20.59
CA LEU A 279 3.30 2.43 20.27
C LEU A 279 3.26 3.96 20.17
N GLY A 280 2.09 4.57 20.23
CA GLY A 280 1.94 6.02 20.21
C GLY A 280 1.33 6.61 18.93
N ILE A 281 0.77 5.79 18.03
CA ILE A 281 0.07 6.41 16.93
C ILE A 281 -1.35 6.71 17.38
N PRO A 282 -1.80 7.98 17.32
CA PRO A 282 -3.17 8.32 17.69
C PRO A 282 -4.19 7.54 16.84
N SER A 283 -5.22 6.94 17.47
CA SER A 283 -6.19 6.16 16.70
C SER A 283 -6.74 6.94 15.51
N GLU A 284 -7.03 8.23 15.69
CA GLU A 284 -7.74 9.03 14.72
C GLU A 284 -6.85 9.30 13.51
N LYS A 285 -5.53 8.99 13.62
CA LYS A 285 -4.62 9.13 12.50
C LYS A 285 -4.48 7.82 11.72
N LEU A 286 -4.89 6.69 12.32
CA LEU A 286 -4.64 5.37 11.75
C LEU A 286 -5.74 5.05 10.75
N VAL A 287 -5.38 4.39 9.63
CA VAL A 287 -6.32 4.07 8.57
C VAL A 287 -6.15 2.57 8.35
N ILE A 288 -7.22 1.80 8.61
CA ILE A 288 -7.15 0.34 8.47
C ILE A 288 -7.06 -0.06 7.00
N GLY A 289 -6.23 -1.06 6.72
CA GLY A 289 -6.05 -1.55 5.37
C GLY A 289 -6.95 -2.72 4.97
N ALA A 290 -7.57 -2.53 3.79
CA ALA A 290 -8.40 -3.50 3.10
C ALA A 290 -7.72 -3.83 1.77
N ALA A 291 -8.01 -5.05 1.32
CA ALA A 291 -7.42 -5.58 0.10
C ALA A 291 -8.48 -5.73 -1.00
N PHE A 292 -8.12 -5.38 -2.25
CA PHE A 292 -8.89 -5.78 -3.43
C PHE A 292 -8.19 -6.86 -4.23
N TYR A 293 -7.51 -7.72 -3.47
CA TYR A 293 -6.75 -8.85 -3.98
C TYR A 293 -6.84 -9.99 -2.97
N GLY A 294 -6.31 -11.13 -3.41
CA GLY A 294 -6.18 -12.30 -2.57
C GLY A 294 -4.83 -12.96 -2.80
N ARG A 295 -4.49 -13.90 -1.93
CA ARG A 295 -3.30 -14.71 -2.14
C ARG A 295 -3.64 -16.17 -1.96
N GLY A 296 -2.90 -17.01 -2.64
CA GLY A 296 -3.28 -18.42 -2.65
C GLY A 296 -2.11 -19.39 -2.62
N TRP A 297 -2.47 -20.64 -2.31
CA TRP A 297 -1.59 -21.79 -2.15
C TRP A 297 -2.15 -22.96 -2.92
N GLN A 298 -1.23 -23.85 -3.31
CA GLN A 298 -1.63 -25.16 -3.84
C GLN A 298 -0.99 -26.26 -3.01
N GLY A 299 -1.66 -27.42 -2.97
CA GLY A 299 -1.20 -28.53 -2.15
C GLY A 299 -1.42 -28.31 -0.66
N THR A 300 -2.57 -27.72 -0.31
CA THR A 300 -2.95 -27.48 1.06
C THR A 300 -3.21 -28.81 1.73
N LYS A 301 -2.61 -29.00 2.89
CA LYS A 301 -2.55 -30.30 3.55
C LYS A 301 -3.55 -30.44 4.69
N ASP A 302 -4.15 -31.63 4.78
CA ASP A 302 -4.94 -32.01 5.93
C ASP A 302 -6.07 -31.02 6.16
N PHE A 303 -6.70 -30.64 5.06
CA PHE A 303 -7.73 -29.65 5.12
C PHE A 303 -8.85 -30.09 4.18
N SER A 304 -10.09 -29.86 4.59
CA SER A 304 -11.20 -30.23 3.74
C SER A 304 -12.27 -29.14 3.71
N GLY A 305 -11.89 -27.87 3.85
CA GLY A 305 -12.83 -26.77 3.68
C GLY A 305 -13.52 -26.32 4.98
N GLY A 306 -13.07 -26.78 6.15
CA GLY A 306 -13.60 -26.21 7.34
C GLY A 306 -12.90 -24.89 7.68
N LEU A 307 -12.96 -24.52 8.95
CA LEU A 307 -12.31 -23.30 9.37
C LEU A 307 -10.80 -23.43 9.31
N PRO A 308 -10.08 -22.39 8.84
CA PRO A 308 -8.63 -22.47 8.85
C PRO A 308 -8.08 -22.41 10.26
N THR A 309 -6.94 -23.09 10.49
CA THR A 309 -6.33 -23.20 11.81
C THR A 309 -4.89 -22.68 11.79
N GLN A 310 -4.34 -22.65 13.01
CA GLN A 310 -3.09 -21.97 13.31
C GLN A 310 -1.88 -22.78 12.86
N ASP A 311 -2.12 -23.98 12.32
CA ASP A 311 -1.04 -24.83 11.91
C ASP A 311 -1.29 -25.35 10.49
N LEU A 312 -2.16 -24.66 9.72
CA LEU A 312 -2.51 -25.08 8.38
C LEU A 312 -1.42 -24.71 7.39
N VAL A 313 -0.88 -25.72 6.70
CA VAL A 313 0.17 -25.51 5.70
C VAL A 313 -0.21 -26.07 4.34
N SER A 314 0.58 -25.63 3.34
CA SER A 314 0.49 -26.08 1.96
C SER A 314 1.87 -26.41 1.42
N GLU A 315 1.92 -27.25 0.38
CA GLU A 315 3.17 -27.52 -0.32
C GLU A 315 3.82 -26.22 -0.80
N GLN A 316 3.08 -25.29 -1.44
CA GLN A 316 3.73 -24.12 -2.00
C GLN A 316 2.68 -23.05 -2.29
N GLY A 317 3.15 -21.85 -2.59
CA GLY A 317 2.28 -20.83 -3.15
C GLY A 317 1.65 -21.30 -4.46
N ALA A 318 0.45 -20.79 -4.76
CA ALA A 318 -0.20 -21.12 -6.00
C ALA A 318 0.66 -20.70 -7.18
N GLN A 319 0.83 -21.61 -8.15
CA GLN A 319 1.69 -21.35 -9.29
C GLN A 319 0.85 -20.79 -10.45
N PHE A 320 -0.05 -19.87 -10.09
CA PHE A 320 -0.87 -19.17 -11.04
C PHE A 320 -1.43 -17.94 -10.32
N GLY A 321 -1.95 -17.00 -11.08
CA GLY A 321 -2.45 -15.76 -10.48
C GLY A 321 -2.98 -14.82 -11.55
N THR A 322 -3.27 -13.58 -11.15
CA THR A 322 -3.67 -12.55 -12.08
C THR A 322 -2.38 -11.84 -12.50
N GLY A 323 -1.67 -12.34 -13.50
CA GLY A 323 -0.47 -11.64 -13.95
C GLY A 323 0.79 -11.86 -13.08
N GLU A 324 0.66 -12.53 -11.93
CA GLU A 324 1.81 -12.92 -11.12
C GLU A 324 1.37 -14.05 -10.21
N ASN A 325 2.19 -15.11 -10.08
CA ASN A 325 1.76 -16.29 -9.36
C ASN A 325 1.45 -15.96 -7.90
N GLY A 326 0.33 -16.49 -7.43
CA GLY A 326 0.00 -16.46 -6.02
C GLY A 326 -0.76 -15.20 -5.62
N TYR A 327 -0.95 -14.26 -6.57
CA TYR A 327 -1.59 -12.98 -6.34
C TYR A 327 -2.80 -12.87 -7.26
N PHE A 328 -3.98 -12.60 -6.70
CA PHE A 328 -5.23 -12.65 -7.44
C PHE A 328 -5.95 -11.33 -7.24
N MET A 329 -6.42 -10.70 -8.30
CA MET A 329 -7.26 -9.54 -8.16
C MET A 329 -8.70 -9.97 -7.86
N PHE A 330 -9.42 -9.15 -7.08
CA PHE A 330 -10.79 -9.42 -6.71
C PHE A 330 -11.63 -9.76 -7.95
N TRP A 331 -11.49 -8.96 -9.01
CA TRP A 331 -12.35 -9.16 -10.17
C TRP A 331 -12.14 -10.55 -10.77
N ASP A 332 -10.89 -11.01 -10.75
CA ASP A 332 -10.48 -12.29 -11.33
C ASP A 332 -11.09 -13.42 -10.52
N LEU A 333 -11.03 -13.30 -9.19
CA LEU A 333 -11.64 -14.27 -8.29
C LEU A 333 -13.13 -14.35 -8.59
N VAL A 334 -13.79 -13.21 -8.75
CA VAL A 334 -15.24 -13.20 -8.96
C VAL A 334 -15.59 -13.87 -10.31
N LYS A 335 -14.83 -13.56 -11.35
CA LYS A 335 -15.20 -13.96 -12.69
C LYS A 335 -14.78 -15.41 -12.94
N ASN A 336 -13.66 -15.85 -12.36
CA ASN A 336 -13.00 -17.04 -12.85
C ASN A 336 -12.78 -18.10 -11.79
N TYR A 337 -13.06 -17.82 -10.51
CA TYR A 337 -12.80 -18.76 -9.43
C TYR A 337 -14.08 -19.00 -8.63
N GLY A 338 -15.18 -19.27 -9.35
CA GLY A 338 -16.45 -19.58 -8.71
C GLY A 338 -16.67 -21.06 -8.48
N ALA A 339 -17.87 -21.40 -7.96
CA ALA A 339 -18.25 -22.75 -7.69
C ALA A 339 -18.14 -23.63 -8.94
N LYS A 340 -18.47 -23.05 -10.09
CA LYS A 340 -18.47 -23.86 -11.31
C LYS A 340 -17.06 -24.20 -11.74
N GLN A 341 -16.05 -23.50 -11.18
CA GLN A 341 -14.66 -23.85 -11.43
C GLN A 341 -14.06 -24.70 -10.32
N GLY A 342 -14.87 -25.12 -9.34
CA GLY A 342 -14.48 -26.06 -8.32
C GLY A 342 -14.07 -25.35 -7.03
N TYR A 343 -14.28 -24.05 -6.94
CA TYR A 343 -13.87 -23.31 -5.75
C TYR A 343 -15.11 -23.01 -4.92
N GLU A 344 -15.09 -23.45 -3.67
CA GLU A 344 -16.18 -23.24 -2.76
C GLU A 344 -15.91 -21.99 -1.94
N TYR A 345 -16.88 -21.09 -1.91
CA TYR A 345 -16.82 -19.90 -1.07
C TYR A 345 -17.09 -20.26 0.39
N LYS A 346 -16.17 -19.82 1.27
CA LYS A 346 -16.33 -19.95 2.71
C LYS A 346 -16.10 -18.61 3.39
N TYR A 347 -16.69 -18.45 4.58
CA TYR A 347 -16.52 -17.21 5.31
C TYR A 347 -16.27 -17.59 6.74
N ASP A 348 -15.09 -17.17 7.26
CA ASP A 348 -14.76 -17.34 8.65
C ASP A 348 -15.40 -16.21 9.44
N GLU A 349 -16.57 -16.45 10.05
CA GLU A 349 -17.30 -15.40 10.70
C GLU A 349 -16.52 -14.78 11.86
N GLN A 350 -15.78 -15.60 12.63
CA GLN A 350 -15.03 -15.07 13.78
C GLN A 350 -13.90 -14.15 13.33
N SER A 351 -13.20 -14.53 12.26
CA SER A 351 -12.12 -13.70 11.75
C SER A 351 -12.62 -12.53 10.91
N GLN A 352 -13.85 -12.67 10.40
CA GLN A 352 -14.47 -11.79 9.43
C GLN A 352 -13.68 -11.82 8.14
N ALA A 353 -13.49 -13.00 7.56
CA ALA A 353 -12.69 -13.09 6.35
C ALA A 353 -13.19 -14.20 5.44
N PRO A 354 -13.30 -13.92 4.13
CA PRO A 354 -13.64 -14.96 3.17
C PRO A 354 -12.45 -15.69 2.61
N TYR A 355 -12.70 -16.92 2.15
CA TYR A 355 -11.66 -17.72 1.51
C TYR A 355 -12.32 -18.70 0.56
N LEU A 356 -11.54 -19.13 -0.42
CA LEU A 356 -11.97 -20.14 -1.38
C LEU A 356 -11.21 -21.44 -1.14
N TRP A 357 -11.93 -22.57 -1.25
CA TRP A 357 -11.33 -23.89 -1.14
C TRP A 357 -11.71 -24.73 -2.35
N ASN A 358 -10.71 -25.18 -3.12
CA ASN A 358 -10.92 -26.11 -4.22
C ASN A 358 -10.47 -27.50 -3.76
N PRO A 359 -11.40 -28.40 -3.37
CA PRO A 359 -11.04 -29.73 -2.87
C PRO A 359 -10.27 -30.58 -3.87
N GLU A 360 -10.63 -30.47 -5.15
CA GLU A 360 -10.02 -31.32 -6.16
C GLU A 360 -8.56 -30.90 -6.43
N LYS A 361 -8.28 -29.60 -6.45
CA LYS A 361 -6.93 -29.12 -6.72
C LYS A 361 -6.13 -28.82 -5.46
N LYS A 362 -6.79 -28.89 -4.30
CA LYS A 362 -6.26 -28.54 -3.00
C LYS A 362 -5.65 -27.14 -3.08
N VAL A 363 -6.50 -26.20 -3.52
CA VAL A 363 -6.09 -24.80 -3.61
C VAL A 363 -6.92 -24.02 -2.61
N PHE A 364 -6.22 -23.20 -1.81
CA PHE A 364 -6.78 -22.32 -0.81
C PHE A 364 -6.42 -20.89 -1.20
N ILE A 365 -7.44 -20.04 -1.32
CA ILE A 365 -7.25 -18.63 -1.62
C ILE A 365 -7.89 -17.80 -0.51
N SER A 366 -7.06 -16.91 0.06
CA SER A 366 -7.53 -15.94 1.03
C SER A 366 -7.74 -14.62 0.33
N TYR A 367 -8.89 -13.98 0.58
CA TYR A 367 -9.15 -12.70 -0.05
C TYR A 367 -10.03 -11.84 0.85
N GLU A 368 -10.68 -10.86 0.22
CA GLU A 368 -11.44 -9.83 0.88
C GLU A 368 -12.65 -9.53 0.01
N ASP A 369 -13.82 -9.34 0.65
CA ASP A 369 -15.03 -9.07 -0.11
C ASP A 369 -15.90 -8.05 0.62
N GLN A 370 -17.14 -7.89 0.11
CA GLN A 370 -18.06 -6.92 0.66
C GLN A 370 -18.25 -7.13 2.16
N ARG A 371 -18.39 -8.40 2.57
CA ARG A 371 -18.67 -8.72 3.96
C ARG A 371 -17.50 -8.29 4.88
N SER A 372 -16.28 -8.65 4.50
CA SER A 372 -15.14 -8.34 5.33
C SER A 372 -14.80 -6.86 5.35
N ILE A 373 -15.00 -6.19 4.22
CA ILE A 373 -14.78 -4.76 4.18
C ILE A 373 -15.79 -4.02 5.07
N LYS A 374 -17.06 -4.45 5.03
CA LYS A 374 -18.04 -3.86 5.93
C LYS A 374 -17.66 -4.05 7.39
N ALA A 375 -17.15 -5.25 7.74
CA ALA A 375 -16.71 -5.55 9.09
C ALA A 375 -15.54 -4.64 9.49
N LYS A 376 -14.57 -4.45 8.59
CA LYS A 376 -13.43 -3.59 8.85
C LYS A 376 -13.82 -2.13 9.07
N ALA A 377 -14.75 -1.64 8.23
CA ALA A 377 -15.17 -0.25 8.32
C ALA A 377 -15.93 -0.03 9.63
N ASN A 378 -16.81 -0.97 10.00
CA ASN A 378 -17.51 -0.80 11.27
C ASN A 378 -16.56 -0.90 12.45
N TRP A 379 -15.57 -1.81 12.37
CA TRP A 379 -14.58 -1.93 13.41
C TRP A 379 -13.79 -0.62 13.54
N ALA A 380 -13.40 -0.06 12.41
CA ALA A 380 -12.69 1.20 12.36
C ALA A 380 -13.49 2.31 13.03
N LYS A 381 -14.79 2.38 12.76
CA LYS A 381 -15.62 3.37 13.44
C LYS A 381 -15.60 3.12 14.95
N GLN A 382 -15.80 1.86 15.34
CA GLN A 382 -15.86 1.54 16.77
C GLN A 382 -14.53 1.81 17.46
N ALA A 383 -13.38 1.69 16.76
CA ALA A 383 -12.06 1.95 17.32
C ALA A 383 -11.63 3.40 17.19
N ASN A 384 -12.52 4.30 16.73
CA ASN A 384 -12.20 5.71 16.53
C ASN A 384 -10.96 5.85 15.64
N LEU A 385 -10.88 5.03 14.59
CA LEU A 385 -9.80 5.21 13.62
C LEU A 385 -10.10 6.37 12.66
N GLY A 386 -9.06 6.77 11.91
CA GLY A 386 -9.19 7.78 10.89
C GLY A 386 -10.06 7.39 9.71
N GLY A 387 -10.08 6.08 9.40
CA GLY A 387 -10.83 5.60 8.26
C GLY A 387 -10.26 4.29 7.73
N ILE A 388 -10.40 4.11 6.42
CA ILE A 388 -10.07 2.86 5.76
C ILE A 388 -9.42 3.15 4.41
N PHE A 389 -8.50 2.28 4.00
CA PHE A 389 -7.91 2.42 2.68
C PHE A 389 -7.88 1.05 1.99
N THR A 390 -7.62 1.04 0.68
CA THR A 390 -7.45 -0.18 -0.10
C THR A 390 -6.18 -0.20 -0.91
N TRP A 391 -5.54 -1.38 -0.93
CA TRP A 391 -4.65 -1.79 -1.99
C TRP A 391 -5.36 -2.85 -2.83
N GLU A 392 -5.64 -2.60 -4.11
CA GLU A 392 -5.57 -1.32 -4.79
C GLU A 392 -6.78 -1.23 -5.71
N LEU A 393 -7.06 -0.01 -6.16
CA LEU A 393 -8.37 0.29 -6.78
C LEU A 393 -8.73 -0.59 -7.98
N SER A 394 -7.73 -0.98 -8.77
CA SER A 394 -7.99 -1.70 -10.02
C SER A 394 -8.58 -3.08 -9.72
N GLY A 395 -8.43 -3.60 -8.49
CA GLY A 395 -9.02 -4.89 -8.21
C GLY A 395 -10.53 -4.90 -8.30
N ASP A 396 -11.13 -3.69 -8.23
CA ASP A 396 -12.57 -3.49 -8.13
C ASP A 396 -13.02 -2.58 -9.28
N PRO A 397 -12.92 -3.04 -10.53
CA PRO A 397 -13.23 -2.21 -11.70
C PRO A 397 -14.64 -1.63 -11.69
N LYS A 398 -15.59 -2.35 -11.12
CA LYS A 398 -16.97 -1.88 -11.07
C LYS A 398 -17.23 -0.92 -9.90
N GLY A 399 -16.30 -0.77 -8.95
CA GLY A 399 -16.44 0.10 -7.80
C GLY A 399 -17.42 -0.40 -6.75
N GLU A 400 -17.72 -1.69 -6.77
CA GLU A 400 -18.63 -2.33 -5.84
C GLU A 400 -18.05 -2.39 -4.43
N LEU A 401 -16.75 -2.64 -4.31
CA LEU A 401 -16.10 -2.69 -3.01
C LEU A 401 -15.84 -1.27 -2.49
N VAL A 402 -15.46 -0.34 -3.37
CA VAL A 402 -15.37 1.06 -3.00
C VAL A 402 -16.72 1.55 -2.44
N GLU A 403 -17.83 1.16 -3.04
CA GLU A 403 -19.15 1.54 -2.57
C GLU A 403 -19.37 1.12 -1.11
N VAL A 404 -18.93 -0.10 -0.75
CA VAL A 404 -19.04 -0.58 0.62
C VAL A 404 -18.13 0.23 1.54
N MET A 405 -16.87 0.49 1.16
CA MET A 405 -15.99 1.29 2.00
C MET A 405 -16.67 2.62 2.29
N TYR A 406 -17.16 3.27 1.23
CA TYR A 406 -17.71 4.61 1.37
C TYR A 406 -18.96 4.60 2.26
N GLN A 407 -19.91 3.72 1.94
CA GLN A 407 -21.17 3.66 2.66
C GLN A 407 -20.96 3.34 4.13
N GLU A 408 -20.05 2.42 4.43
CA GLU A 408 -19.90 1.89 5.77
C GLU A 408 -18.99 2.77 6.60
N MET A 409 -18.00 3.41 5.97
CA MET A 409 -17.03 4.16 6.73
C MET A 409 -17.62 5.53 7.07
N GLN A 410 -18.40 6.07 6.14
CA GLN A 410 -18.99 7.39 6.32
C GLN A 410 -20.40 7.31 6.92
N LYS A 411 -20.93 6.12 7.22
CA LYS A 411 -22.19 6.01 7.97
C LYS A 411 -21.84 5.83 9.45
#